data_7HAX
#
_entry.id   7HAX
#
_cell.length_a   66.954
_cell.length_b   91.341
_cell.length_c   99.883
_cell.angle_alpha   90.000
_cell.angle_beta   90.000
_cell.angle_gamma   90.000
#
_symmetry.space_group_name_H-M   'I 2 2 2'
#
loop_
_entity.id
_entity.type
_entity.pdbx_description
1 polymer 'Heat shock protein HSP 90-alpha'
2 non-polymer (3aR,7aS)-3a,4,7,7a-tetrahydro-1H-isoindole-1,3(2H)-dione
3 water water
#
_entity_poly.entity_id   1
_entity_poly.type   'polypeptide(L)'
_entity_poly.pdbx_seq_one_letter_code
;MDQPMEEEEVETFAFQAEIAQLMSLIINTFYSNKEIFLRELISNSSDALDKIRYESLTDPSKLDSGKELHINLIPNKQDR
TLTIVDTGIGMTKADLINNLGTIAKSGTKAFMEALQAGADISMIGQFGVGFYSAYLVAEKVTVITKHNDDEQYAWESSAG
GSFTVRTDTGEPMGRGTKVILHLKEDQTEYLEERRIKEIVKKHSQFIGYPITLFVEKERDKEVSDDEAELEHHHHHH
;
_entity_poly.pdbx_strand_id   A
#
loop_
_chem_comp.id
_chem_comp.type
_chem_comp.name
_chem_comp.formula
A1AYF non-polymer (3aR,7aS)-3a,4,7,7a-tetrahydro-1H-isoindole-1,3(2H)-dione 'C8 H9 N O2'
#
# COMPACT_ATOMS: atom_id res chain seq x y z
N GLU A 9 6.10 23.07 -2.43
CA GLU A 9 7.35 22.52 -1.90
C GLU A 9 7.33 21.00 -1.95
N VAL A 10 8.02 20.43 -2.94
CA VAL A 10 8.10 18.99 -3.11
C VAL A 10 9.53 18.56 -2.77
N GLU A 11 9.67 17.63 -1.83
CA GLU A 11 10.97 17.10 -1.45
C GLU A 11 11.20 15.78 -2.17
N THR A 12 12.37 15.65 -2.80
CA THR A 12 12.76 14.43 -3.50
C THR A 12 13.84 13.72 -2.70
N PHE A 13 13.66 12.42 -2.49
CA PHE A 13 14.61 11.59 -1.76
C PHE A 13 15.02 10.41 -2.65
N ALA A 14 16.20 9.87 -2.35
CA ALA A 14 16.64 8.64 -2.96
C ALA A 14 16.25 7.45 -2.09
N PHE A 15 15.71 6.41 -2.73
CA PHE A 15 15.58 5.12 -2.06
C PHE A 15 16.96 4.62 -1.64
N GLN A 16 17.00 3.85 -0.56
CA GLN A 16 18.19 3.05 -0.29
C GLN A 16 18.45 2.12 -1.48
N ALA A 17 19.74 1.82 -1.70
CA ALA A 17 20.11 0.97 -2.82
C ALA A 17 19.37 -0.36 -2.79
N GLU A 18 19.20 -0.93 -1.58
CA GLU A 18 18.54 -2.23 -1.46
C GLU A 18 17.07 -2.14 -1.85
N ILE A 19 16.40 -1.05 -1.47
CA ILE A 19 14.99 -0.90 -1.81
C ILE A 19 14.82 -0.72 -3.31
N ALA A 20 15.65 0.12 -3.91
CA ALA A 20 15.61 0.29 -5.37
C ALA A 20 15.87 -1.03 -6.08
N GLN A 21 16.76 -1.85 -5.52
CA GLN A 21 17.02 -3.16 -6.10
C GLN A 21 15.78 -4.05 -6.03
N LEU A 22 15.07 -4.02 -4.91
CA LEU A 22 13.84 -4.79 -4.80
C LEU A 22 12.79 -4.31 -5.80
N MET A 23 12.68 -3.00 -5.99
CA MET A 23 11.70 -2.47 -6.93
C MET A 23 12.03 -2.87 -8.36
N SER A 24 13.32 -2.92 -8.71
CA SER A 24 13.71 -3.33 -10.06
C SER A 24 13.46 -4.82 -10.27
N LEU A 25 13.66 -5.62 -9.23
CA LEU A 25 13.38 -7.06 -9.33
C LEU A 25 11.90 -7.30 -9.57
N ILE A 26 11.04 -6.62 -8.80
CA ILE A 26 9.60 -6.80 -8.97
C ILE A 26 9.15 -6.35 -10.35
N ILE A 27 9.76 -5.28 -10.87
CA ILE A 27 9.35 -4.73 -12.15
C ILE A 27 9.86 -5.58 -13.30
N ASN A 28 11.07 -6.11 -13.20
CA ASN A 28 11.69 -6.77 -14.34
C ASN A 28 11.47 -8.29 -14.39
N THR A 29 11.25 -8.93 -13.24
CA THR A 29 11.12 -10.39 -13.23
C THR A 29 9.84 -10.81 -13.92
N PHE A 30 9.93 -11.83 -14.78
CA PHE A 30 8.74 -12.39 -15.39
C PHE A 30 7.98 -13.23 -14.37
N TYR A 31 6.77 -12.79 -14.03
CA TYR A 31 5.99 -13.44 -12.99
C TYR A 31 4.52 -13.15 -13.24
N SER A 32 3.75 -14.18 -13.57
CA SER A 32 2.38 -14.01 -14.06
C SER A 32 1.35 -13.83 -12.95
N ASN A 33 1.62 -14.35 -11.75
CA ASN A 33 0.65 -14.31 -10.64
C ASN A 33 0.65 -12.94 -9.98
N LYS A 34 0.32 -11.92 -10.78
CA LYS A 34 0.38 -10.54 -10.32
C LYS A 34 -0.74 -10.21 -9.33
N GLU A 35 -1.84 -10.96 -9.34
CA GLU A 35 -3.03 -10.59 -8.57
C GLU A 35 -2.79 -10.57 -7.07
N ILE A 36 -1.66 -11.11 -6.58
CA ILE A 36 -1.40 -11.13 -5.15
C ILE A 36 -1.08 -9.75 -4.60
N PHE A 37 -0.91 -8.74 -5.45
CA PHE A 37 -0.69 -7.39 -4.97
C PHE A 37 -1.84 -6.92 -4.08
N LEU A 38 -3.07 -7.27 -4.45
CA LEU A 38 -4.24 -6.82 -3.68
C LEU A 38 -4.24 -7.43 -2.29
N ARG A 39 -3.95 -8.73 -2.20
CA ARG A 39 -3.86 -9.41 -0.91
C ARG A 39 -2.85 -8.72 -0.01
N GLU A 40 -1.72 -8.25 -0.57
CA GLU A 40 -0.68 -7.64 0.23
C GLU A 40 -1.10 -6.27 0.73
N LEU A 41 -1.73 -5.47 -0.12
CA LEU A 41 -2.17 -4.14 0.29
C LEU A 41 -3.34 -4.21 1.26
N ILE A 42 -4.28 -5.14 1.03
CA ILE A 42 -5.37 -5.34 1.98
C ILE A 42 -4.82 -5.77 3.33
N SER A 43 -3.82 -6.67 3.32
CA SER A 43 -3.21 -7.11 4.57
C SER A 43 -2.47 -5.97 5.26
N ASN A 44 -1.83 -5.09 4.48
CA ASN A 44 -1.22 -3.90 5.07
C ASN A 44 -2.27 -3.02 5.73
N SER A 45 -3.44 -2.90 5.11
CA SER A 45 -4.51 -2.08 5.68
C SER A 45 -5.05 -2.69 6.96
N SER A 46 -5.22 -4.02 6.99
CA SER A 46 -5.71 -4.69 8.18
C SER A 46 -4.74 -4.53 9.34
N ASP A 47 -3.43 -4.54 9.06
CA ASP A 47 -2.44 -4.35 10.11
C ASP A 47 -2.50 -2.94 10.69
N ALA A 48 -2.66 -1.93 9.83
CA ALA A 48 -2.77 -0.56 10.31
C ALA A 48 -4.08 -0.34 11.07
N LEU A 49 -5.15 -1.01 10.67
CA LEU A 49 -6.41 -0.89 11.39
C LEU A 49 -6.33 -1.58 12.75
N ASP A 50 -5.61 -2.70 12.85
CA ASP A 50 -5.42 -3.35 14.14
C ASP A 50 -4.68 -2.43 15.10
N LYS A 51 -3.70 -1.67 14.59
CA LYS A 51 -2.88 -0.83 15.46
C LYS A 51 -3.72 0.27 16.10
N ILE A 52 -4.52 0.98 15.31
CA ILE A 52 -5.30 2.08 15.85
C ILE A 52 -6.39 1.56 16.78
N ARG A 53 -6.94 0.38 16.50
CA ARG A 53 -7.96 -0.18 17.38
C ARG A 53 -7.38 -0.56 18.73
N TYR A 54 -6.18 -1.18 18.73
CA TYR A 54 -5.54 -1.52 20.00
C TYR A 54 -5.18 -0.26 20.79
N GLU A 55 -4.65 0.76 20.11
CA GLU A 55 -4.26 1.98 20.80
C GLU A 55 -5.47 2.68 21.42
N SER A 56 -6.64 2.56 20.79
CA SER A 56 -7.83 3.21 21.32
C SER A 56 -8.41 2.50 22.53
N LEU A 57 -8.03 1.24 22.77
CA LEU A 57 -8.53 0.53 23.95
C LEU A 57 -8.08 1.21 25.24
N THR A 58 -6.91 1.84 25.22
CA THR A 58 -6.39 2.56 26.37
C THR A 58 -6.47 4.08 26.20
N ASP A 59 -7.01 4.55 25.08
CA ASP A 59 -7.12 5.99 24.80
C ASP A 59 -8.23 6.21 23.77
N PRO A 60 -9.48 6.35 24.22
CA PRO A 60 -10.58 6.52 23.27
C PRO A 60 -10.46 7.76 22.39
N SER A 61 -9.76 8.80 22.85
CA SER A 61 -9.62 10.02 22.06
C SER A 61 -8.82 9.82 20.79
N LYS A 62 -8.15 8.68 20.62
CA LYS A 62 -7.45 8.40 19.38
C LYS A 62 -8.39 8.20 18.20
N LEU A 63 -9.68 7.95 18.47
CA LEU A 63 -10.68 7.78 17.43
C LEU A 63 -11.45 9.07 17.15
N ASP A 64 -10.99 10.20 17.70
CA ASP A 64 -11.62 11.48 17.40
C ASP A 64 -11.53 11.84 15.92
N SER A 65 -10.56 11.30 15.21
CA SER A 65 -10.40 11.53 13.79
C SER A 65 -11.16 10.51 12.94
N GLY A 66 -12.10 9.78 13.54
CA GLY A 66 -12.87 8.79 12.81
C GLY A 66 -13.02 7.48 13.56
N LYS A 67 -14.26 7.11 13.88
CA LYS A 67 -14.50 5.87 14.61
C LYS A 67 -14.53 4.66 13.68
N GLU A 68 -14.93 4.84 12.43
CA GLU A 68 -15.09 3.72 11.52
C GLU A 68 -13.75 3.08 11.16
N LEU A 69 -13.72 1.75 11.19
CA LEU A 69 -12.55 0.96 10.82
C LEU A 69 -12.95 0.12 9.62
N HIS A 70 -12.50 0.49 8.43
CA HIS A 70 -12.96 -0.18 7.22
C HIS A 70 -11.92 -0.05 6.13
N ILE A 71 -12.14 -0.80 5.05
CA ILE A 71 -11.27 -0.80 3.87
C ILE A 71 -12.16 -0.59 2.65
N ASN A 72 -11.78 0.35 1.79
CA ASN A 72 -12.52 0.65 0.57
C ASN A 72 -11.63 0.41 -0.63
N LEU A 73 -12.19 -0.21 -1.66
CA LEU A 73 -11.51 -0.43 -2.93
C LEU A 73 -12.22 0.37 -4.01
N ILE A 74 -11.51 1.30 -4.63
CA ILE A 74 -12.12 2.25 -5.55
C ILE A 74 -11.46 2.16 -6.92
N PRO A 75 -12.11 1.57 -7.92
CA PRO A 75 -11.59 1.61 -9.28
C PRO A 75 -12.10 2.82 -10.05
N ASN A 76 -11.23 3.32 -10.94
CA ASN A 76 -11.55 4.49 -11.75
C ASN A 76 -10.94 4.28 -13.13
N LYS A 77 -11.77 3.96 -14.11
CA LYS A 77 -11.26 3.68 -15.45
C LYS A 77 -10.82 4.95 -16.17
N GLN A 78 -11.44 6.09 -15.85
CA GLN A 78 -11.08 7.34 -16.50
C GLN A 78 -9.66 7.75 -16.18
N ASP A 79 -9.26 7.62 -14.91
CA ASP A 79 -7.89 7.90 -14.50
C ASP A 79 -7.01 6.66 -14.53
N ARG A 80 -7.60 5.47 -14.74
CA ARG A 80 -6.87 4.21 -14.72
C ARG A 80 -6.15 4.00 -13.39
N THR A 81 -6.88 4.20 -12.29
CA THR A 81 -6.33 4.05 -10.95
C THR A 81 -7.18 3.09 -10.13
N LEU A 82 -6.51 2.36 -9.26
CA LEU A 82 -7.14 1.52 -8.25
C LEU A 82 -6.67 1.99 -6.89
N THR A 83 -7.61 2.40 -6.04
CA THR A 83 -7.28 3.02 -4.76
C THR A 83 -7.72 2.10 -3.62
N ILE A 84 -6.79 1.82 -2.71
CA ILE A 84 -7.07 1.06 -1.49
C ILE A 84 -7.03 2.05 -0.33
N VAL A 85 -8.19 2.33 0.25
CA VAL A 85 -8.32 3.28 1.35
C VAL A 85 -8.60 2.50 2.63
N ASP A 86 -7.88 2.83 3.70
CA ASP A 86 -8.18 2.33 5.02
C ASP A 86 -8.15 3.48 6.02
N THR A 87 -8.89 3.31 7.10
CA THR A 87 -8.90 4.26 8.20
C THR A 87 -8.04 3.78 9.37
N GLY A 88 -6.86 3.25 9.06
CA GLY A 88 -5.96 2.74 10.08
C GLY A 88 -5.21 3.87 10.78
N ILE A 89 -4.10 3.49 11.41
CA ILE A 89 -3.35 4.43 12.23
C ILE A 89 -2.64 5.50 11.38
N GLY A 90 -2.42 5.24 10.10
CA GLY A 90 -1.74 6.19 9.25
C GLY A 90 -0.23 6.17 9.46
N MET A 91 0.45 7.06 8.74
CA MET A 91 1.91 7.07 8.69
C MET A 91 2.40 8.49 8.88
N THR A 92 3.36 8.67 9.79
CA THR A 92 3.97 9.96 10.01
C THR A 92 4.98 10.26 8.90
N LYS A 93 5.49 11.49 8.90
CA LYS A 93 6.47 11.86 7.89
C LYS A 93 7.76 11.07 8.06
N ALA A 94 8.15 10.79 9.32
CA ALA A 94 9.33 9.96 9.56
C ALA A 94 9.12 8.54 9.06
N ASP A 95 7.88 8.04 9.09
CA ASP A 95 7.58 6.74 8.51
C ASP A 95 7.88 6.73 7.02
N LEU A 96 7.41 7.76 6.30
CA LEU A 96 7.55 7.81 4.84
C LEU A 96 9.01 7.89 4.42
N ILE A 97 9.88 8.48 5.24
CA ILE A 97 11.24 8.78 4.85
C ILE A 97 12.24 7.81 5.47
N ASN A 98 12.09 7.49 6.76
CA ASN A 98 13.09 6.69 7.48
C ASN A 98 12.56 5.37 7.99
N ASN A 99 11.48 5.37 8.78
CA ASN A 99 11.17 4.21 9.61
C ASN A 99 10.84 2.98 8.77
N LEU A 100 9.88 3.11 7.85
CA LEU A 100 9.50 1.97 7.03
C LEU A 100 10.65 1.50 6.14
N GLY A 101 11.53 2.43 5.74
CA GLY A 101 12.70 2.05 4.96
C GLY A 101 13.72 1.28 5.77
N THR A 102 13.85 1.60 7.06
CA THR A 102 14.73 0.83 7.92
C THR A 102 14.25 -0.61 8.05
N ILE A 103 12.94 -0.79 8.25
CA ILE A 103 12.37 -2.14 8.36
C ILE A 103 12.50 -2.88 7.04
N ALA A 104 12.26 -2.17 5.92
CA ALA A 104 12.26 -2.82 4.61
C ALA A 104 13.65 -3.28 4.20
N LYS A 105 14.71 -2.71 4.77
CA LYS A 105 16.06 -3.09 4.36
C LYS A 105 16.36 -4.53 4.73
N SER A 106 16.13 -4.92 5.98
CA SER A 106 16.39 -6.29 6.40
C SER A 106 15.36 -7.25 5.84
N GLY A 107 14.12 -6.78 5.64
CA GLY A 107 13.11 -7.62 5.01
C GLY A 107 13.44 -7.93 3.57
N THR A 108 14.00 -6.95 2.85
CA THR A 108 14.41 -7.17 1.47
C THR A 108 15.54 -8.20 1.40
N LYS A 109 16.56 -8.05 2.26
CA LYS A 109 17.68 -8.98 2.27
C LYS A 109 17.19 -10.42 2.49
N ALA A 110 16.30 -10.62 3.45
CA ALA A 110 15.75 -11.96 3.67
C ALA A 110 14.91 -12.41 2.46
N PHE A 111 14.18 -11.47 1.84
CA PHE A 111 13.39 -11.82 0.66
C PHE A 111 14.29 -12.26 -0.49
N MET A 112 15.40 -11.56 -0.72
CA MET A 112 16.32 -11.94 -1.79
C MET A 112 16.92 -13.32 -1.54
N GLU A 113 17.32 -13.60 -0.30
CA GLU A 113 17.93 -14.90 0.01
C GLU A 113 16.94 -16.03 -0.21
N ALA A 114 15.69 -15.84 0.20
CA ALA A 114 14.69 -16.90 0.02
C ALA A 114 14.40 -17.13 -1.46
N LEU A 115 14.37 -16.07 -2.26
CA LEU A 115 14.10 -16.22 -3.69
C LEU A 115 15.16 -17.09 -4.35
N GLN A 116 16.43 -16.90 -4.01
CA GLN A 116 17.50 -17.72 -4.55
C GLN A 116 17.46 -19.15 -4.04
N ALA A 117 16.66 -19.44 -3.01
CA ALA A 117 16.53 -20.78 -2.45
C ALA A 117 15.27 -21.49 -2.91
N GLY A 118 14.52 -20.90 -3.85
CA GLY A 118 13.32 -21.52 -4.39
C GLY A 118 12.03 -20.78 -4.11
N ALA A 119 12.04 -19.77 -3.25
CA ALA A 119 10.84 -18.99 -3.02
C ALA A 119 10.47 -18.20 -4.27
N ASP A 120 9.21 -17.77 -4.34
CA ASP A 120 8.72 -16.96 -5.45
C ASP A 120 8.18 -15.63 -4.92
N ILE A 121 7.80 -14.77 -5.85
CA ILE A 121 7.42 -13.40 -5.52
C ILE A 121 6.18 -13.35 -4.64
N SER A 122 5.31 -14.37 -4.72
CA SER A 122 4.06 -14.36 -3.99
C SER A 122 4.26 -14.37 -2.47
N MET A 123 5.44 -14.77 -2.00
CA MET A 123 5.69 -14.81 -0.56
C MET A 123 6.32 -13.53 -0.04
N ILE A 124 6.18 -12.42 -0.78
CA ILE A 124 6.81 -11.16 -0.41
C ILE A 124 6.28 -10.66 0.92
N GLY A 125 5.01 -10.96 1.25
CA GLY A 125 4.43 -10.48 2.49
C GLY A 125 5.04 -11.08 3.74
N GLN A 126 5.57 -12.31 3.63
CA GLN A 126 6.22 -12.94 4.78
C GLN A 126 7.46 -12.20 5.23
N PHE A 127 7.94 -11.23 4.46
CA PHE A 127 9.17 -10.50 4.78
C PHE A 127 8.91 -9.03 5.06
N GLY A 128 7.65 -8.61 5.11
CA GLY A 128 7.31 -7.26 5.52
C GLY A 128 7.54 -6.18 4.49
N VAL A 129 7.65 -6.54 3.21
CA VAL A 129 7.82 -5.55 2.15
C VAL A 129 6.72 -5.74 1.11
N GLY A 130 5.54 -6.15 1.57
CA GLY A 130 4.46 -6.46 0.65
C GLY A 130 3.95 -5.26 -0.13
N PHE A 131 4.14 -4.05 0.41
CA PHE A 131 3.70 -2.85 -0.29
C PHE A 131 4.28 -2.79 -1.70
N TYR A 132 5.53 -3.18 -1.87
CA TYR A 132 6.19 -3.02 -3.15
C TYR A 132 5.70 -4.02 -4.19
N SER A 133 4.85 -4.98 -3.80
CA SER A 133 4.15 -5.78 -4.80
C SER A 133 3.19 -4.96 -5.63
N ALA A 134 2.88 -3.73 -5.21
CA ALA A 134 2.04 -2.85 -6.01
C ALA A 134 2.66 -2.55 -7.37
N TYR A 135 3.99 -2.60 -7.47
CA TYR A 135 4.65 -2.31 -8.74
C TYR A 135 4.62 -3.49 -9.70
N LEU A 136 3.92 -4.57 -9.34
CA LEU A 136 3.62 -5.60 -10.32
C LEU A 136 2.60 -5.12 -11.34
N VAL A 137 1.71 -4.20 -10.94
CA VAL A 137 0.59 -3.80 -11.78
C VAL A 137 0.54 -2.29 -11.98
N ALA A 138 1.37 -1.56 -11.24
CA ALA A 138 1.34 -0.10 -11.25
C ALA A 138 2.68 0.47 -11.72
N GLU A 139 2.61 1.48 -12.58
CA GLU A 139 3.80 2.22 -12.98
C GLU A 139 4.11 3.38 -12.05
N LYS A 140 3.13 3.84 -11.28
CA LYS A 140 3.32 4.88 -10.29
C LYS A 140 2.38 4.64 -9.13
N VAL A 141 2.86 4.86 -7.92
CA VAL A 141 2.07 4.67 -6.71
C VAL A 141 2.10 5.96 -5.91
N THR A 142 0.92 6.47 -5.56
CA THR A 142 0.77 7.60 -4.67
C THR A 142 0.17 7.13 -3.36
N VAL A 143 0.71 7.59 -2.24
CA VAL A 143 0.22 7.23 -0.92
C VAL A 143 -0.14 8.51 -0.19
N ILE A 144 -1.43 8.68 0.09
CA ILE A 144 -1.92 9.76 0.94
C ILE A 144 -2.19 9.17 2.32
N THR A 145 -1.64 9.79 3.35
CA THR A 145 -1.72 9.24 4.68
C THR A 145 -1.84 10.36 5.70
N LYS A 146 -2.48 10.06 6.83
CA LYS A 146 -2.68 11.02 7.90
C LYS A 146 -2.61 10.29 9.23
N HIS A 147 -1.60 10.61 10.02
CA HIS A 147 -1.41 10.09 11.37
C HIS A 147 -1.95 11.11 12.37
N ASN A 148 -2.42 10.60 13.52
CA ASN A 148 -2.99 11.48 14.54
C ASN A 148 -2.00 12.55 15.00
N ASP A 149 -0.71 12.25 14.93
CA ASP A 149 0.32 13.14 15.48
C ASP A 149 1.02 13.98 14.42
N ASP A 150 0.64 13.87 13.15
CA ASP A 150 1.32 14.55 12.06
C ASP A 150 0.29 15.07 11.07
N GLU A 151 0.77 15.75 10.02
CA GLU A 151 -0.08 16.32 9.00
C GLU A 151 -0.35 15.29 7.90
N GLN A 152 -1.24 15.68 6.97
CA GLN A 152 -1.54 14.84 5.81
C GLN A 152 -0.45 14.99 4.76
N TYR A 153 0.11 13.88 4.31
CA TYR A 153 1.21 13.88 3.36
C TYR A 153 0.88 13.07 2.12
N ALA A 154 1.54 13.39 1.02
CA ALA A 154 1.47 12.64 -0.22
C ALA A 154 2.85 12.08 -0.53
N TRP A 155 2.95 10.76 -0.51
CA TRP A 155 4.14 10.03 -0.93
C TRP A 155 3.93 9.54 -2.36
N GLU A 156 4.99 9.56 -3.17
CA GLU A 156 4.83 9.16 -4.56
C GLU A 156 6.16 8.65 -5.10
N SER A 157 6.09 7.62 -5.94
CA SER A 157 7.27 7.11 -6.63
C SER A 157 6.85 6.32 -7.86
N SER A 158 7.51 6.60 -8.98
CA SER A 158 7.46 5.76 -10.17
C SER A 158 8.68 4.84 -10.27
N ALA A 159 9.21 4.41 -9.14
CA ALA A 159 10.48 3.67 -9.06
C ALA A 159 11.55 4.57 -9.68
N GLY A 160 12.55 3.97 -10.33
CA GLY A 160 13.64 4.77 -10.86
C GLY A 160 14.59 5.32 -9.83
N GLY A 161 14.50 4.86 -8.58
CA GLY A 161 15.47 5.20 -7.56
C GLY A 161 15.08 6.34 -6.63
N SER A 162 13.94 6.99 -6.84
CA SER A 162 13.60 8.15 -6.04
C SER A 162 12.12 8.16 -5.71
N PHE A 163 11.78 8.90 -4.64
CA PHE A 163 10.42 9.14 -4.25
C PHE A 163 10.29 10.58 -3.74
N THR A 164 9.09 11.11 -3.82
CA THR A 164 8.81 12.47 -3.36
C THR A 164 7.84 12.45 -2.19
N VAL A 165 8.00 13.42 -1.31
CA VAL A 165 7.10 13.63 -0.17
C VAL A 165 6.69 15.10 -0.17
N ARG A 166 5.39 15.35 -0.01
CA ARG A 166 4.87 16.70 0.02
C ARG A 166 3.70 16.76 0.99
N THR A 167 3.43 17.97 1.50
CA THR A 167 2.21 18.19 2.26
C THR A 167 1.02 18.14 1.31
N ASP A 168 0.04 17.29 1.63
CA ASP A 168 -1.11 17.10 0.75
C ASP A 168 -2.10 18.23 0.93
N THR A 169 -2.58 18.78 -0.19
CA THR A 169 -3.56 19.85 -0.18
C THR A 169 -4.94 19.39 -0.63
N GLY A 170 -5.11 18.10 -0.93
CA GLY A 170 -6.39 17.58 -1.37
C GLY A 170 -7.41 17.49 -0.25
N GLU A 171 -8.43 16.66 -0.43
CA GLU A 171 -9.44 16.51 0.59
C GLU A 171 -8.83 15.91 1.85
N PRO A 172 -9.04 16.51 3.02
CA PRO A 172 -8.48 15.94 4.25
C PRO A 172 -9.11 14.59 4.57
N MET A 173 -8.29 13.65 5.04
CA MET A 173 -8.72 12.29 5.31
C MET A 173 -9.18 12.06 6.73
N GLY A 174 -8.68 12.84 7.68
CA GLY A 174 -8.97 12.58 9.08
C GLY A 174 -7.93 11.66 9.69
N ARG A 175 -7.86 10.43 9.20
CA ARG A 175 -6.89 9.44 9.66
C ARG A 175 -6.93 8.23 8.74
N GLY A 176 -5.76 7.74 8.36
CA GLY A 176 -5.69 6.51 7.60
C GLY A 176 -4.68 6.63 6.48
N THR A 177 -4.80 5.72 5.52
CA THR A 177 -3.85 5.62 4.41
C THR A 177 -4.62 5.36 3.12
N LYS A 178 -4.21 6.05 2.06
CA LYS A 178 -4.81 5.94 0.74
C LYS A 178 -3.71 5.59 -0.24
N VAL A 179 -3.78 4.40 -0.83
CA VAL A 179 -2.78 3.92 -1.79
C VAL A 179 -3.41 3.96 -3.18
N ILE A 180 -2.90 4.82 -4.05
CA ILE A 180 -3.42 4.99 -5.40
C ILE A 180 -2.48 4.28 -6.37
N LEU A 181 -2.99 3.26 -7.06
CA LEU A 181 -2.22 2.48 -8.02
C LEU A 181 -2.52 3.00 -9.42
N HIS A 182 -1.56 3.71 -10.01
CA HIS A 182 -1.68 4.12 -11.42
C HIS A 182 -1.29 2.92 -12.26
N LEU A 183 -2.29 2.19 -12.76
CA LEU A 183 -2.07 0.88 -13.35
C LEU A 183 -1.32 0.98 -14.67
N LYS A 184 -0.55 -0.06 -14.97
CA LYS A 184 0.06 -0.19 -16.28
C LYS A 184 -1.01 -0.46 -17.33
N GLU A 185 -0.66 -0.15 -18.59
CA GLU A 185 -1.65 -0.20 -19.67
C GLU A 185 -2.24 -1.59 -19.83
N ASP A 186 -1.44 -2.64 -19.63
CA ASP A 186 -1.89 -4.00 -19.85
C ASP A 186 -2.43 -4.65 -18.58
N GLN A 187 -2.64 -3.88 -17.51
CA GLN A 187 -3.14 -4.41 -16.25
C GLN A 187 -4.48 -3.80 -15.86
N THR A 188 -5.29 -3.41 -16.85
CA THR A 188 -6.57 -2.77 -16.56
C THR A 188 -7.63 -3.76 -16.09
N GLU A 189 -7.35 -5.06 -16.11
CA GLU A 189 -8.31 -6.04 -15.63
C GLU A 189 -8.62 -5.84 -14.15
N TYR A 190 -7.71 -5.23 -13.39
CA TYR A 190 -7.93 -4.97 -11.98
C TYR A 190 -8.76 -3.72 -11.73
N LEU A 191 -9.35 -3.15 -12.78
CA LEU A 191 -10.38 -2.14 -12.64
C LEU A 191 -11.78 -2.74 -12.78
N GLU A 192 -11.89 -3.99 -13.22
CA GLU A 192 -13.19 -4.63 -13.40
C GLU A 192 -13.69 -5.22 -12.09
N GLU A 193 -14.99 -5.06 -11.84
CA GLU A 193 -15.57 -5.46 -10.56
C GLU A 193 -15.44 -6.96 -10.33
N ARG A 194 -15.80 -7.78 -11.32
CA ARG A 194 -15.78 -9.22 -11.14
C ARG A 194 -14.38 -9.73 -10.88
N ARG A 195 -13.37 -9.10 -11.47
CA ARG A 195 -11.99 -9.50 -11.21
C ARG A 195 -11.57 -9.18 -9.78
N ILE A 196 -11.92 -7.99 -9.29
CA ILE A 196 -11.56 -7.61 -7.93
C ILE A 196 -12.30 -8.49 -6.93
N LYS A 197 -13.58 -8.76 -7.18
CA LYS A 197 -14.35 -9.63 -6.30
C LYS A 197 -13.72 -11.01 -6.21
N GLU A 198 -13.36 -11.58 -7.37
CA GLU A 198 -12.75 -12.91 -7.40
C GLU A 198 -11.46 -12.94 -6.59
N ILE A 199 -10.64 -11.88 -6.69
CA ILE A 199 -9.37 -11.85 -5.97
C ILE A 199 -9.60 -11.69 -4.47
N VAL A 200 -10.54 -10.82 -4.09
CA VAL A 200 -10.80 -10.59 -2.67
C VAL A 200 -11.32 -11.87 -2.01
N LYS A 201 -12.27 -12.54 -2.67
CA LYS A 201 -12.79 -13.78 -2.11
C LYS A 201 -11.73 -14.88 -2.08
N LYS A 202 -10.77 -14.84 -3.00
CA LYS A 202 -9.76 -15.88 -3.07
C LYS A 202 -8.67 -15.71 -2.02
N HIS A 203 -8.25 -14.48 -1.73
CA HIS A 203 -7.09 -14.23 -0.88
C HIS A 203 -7.37 -13.42 0.37
N SER A 204 -8.56 -12.85 0.53
CA SER A 204 -8.82 -11.96 1.66
C SER A 204 -10.20 -12.16 2.26
N GLN A 205 -10.70 -13.39 2.23
CA GLN A 205 -12.08 -13.65 2.64
C GLN A 205 -12.28 -13.59 4.15
N PHE A 206 -11.22 -13.58 4.95
CA PHE A 206 -11.36 -13.61 6.41
C PHE A 206 -10.78 -12.36 7.08
N ILE A 207 -10.62 -11.27 6.33
CA ILE A 207 -10.15 -10.02 6.93
C ILE A 207 -11.18 -9.52 7.94
N GLY A 208 -10.70 -9.14 9.12
CA GLY A 208 -11.59 -8.76 10.20
C GLY A 208 -12.11 -7.34 10.14
N TYR A 209 -12.28 -6.80 8.92
CA TYR A 209 -12.81 -5.46 8.73
C TYR A 209 -13.64 -5.47 7.45
N PRO A 210 -14.72 -4.68 7.40
CA PRO A 210 -15.56 -4.67 6.19
C PRO A 210 -14.79 -4.10 5.00
N ILE A 211 -14.80 -4.86 3.91
CA ILE A 211 -14.17 -4.46 2.66
C ILE A 211 -15.29 -4.11 1.68
N THR A 212 -15.39 -2.83 1.32
CA THR A 212 -16.41 -2.36 0.40
C THR A 212 -15.79 -2.09 -0.96
N LEU A 213 -16.20 -2.85 -1.97
CA LEU A 213 -15.74 -2.64 -3.33
C LEU A 213 -16.66 -1.63 -4.00
N PHE A 214 -16.14 -0.42 -4.22
CA PHE A 214 -16.88 0.58 -4.96
C PHE A 214 -17.04 0.14 -6.42
N VAL A 215 -18.12 0.61 -7.05
CA VAL A 215 -18.34 0.35 -8.46
C VAL A 215 -18.28 1.68 -9.21
N GLU A 216 -18.03 1.60 -10.50
CA GLU A 216 -17.76 2.79 -11.29
C GLU A 216 -19.03 3.34 -11.94
N LYS A 217 -18.89 4.54 -12.50
CA LYS A 217 -20.01 5.25 -13.11
C LYS A 217 -19.91 5.29 -14.63
C1 A1AYF B . 4.31 2.47 2.03
C2 A1AYF B . 6.42 1.54 2.06
C3 A1AYF B . 6.55 2.76 1.18
C4 A1AYF B . 7.65 3.68 1.72
C5 A1AYF B . 7.22 4.31 2.98
C6 A1AYF B . 6.02 4.85 3.04
C7 A1AYF B . 5.15 4.82 1.83
C8 A1AYF B . 5.15 3.41 1.20
N1 A1AYF B . 5.11 1.45 2.48
O1 A1AYF B . 3.14 2.57 2.29
O2 A1AYF B . 7.28 0.75 2.34
#